data_9BR4
#
_entry.id   9BR4
#
_cell.length_a   64.720
_cell.length_b   70.980
_cell.length_c   104.900
_cell.angle_alpha   90.000
_cell.angle_beta   90.000
_cell.angle_gamma   90.000
#
_symmetry.space_group_name_H-M   'P 21 21 21'
#
loop_
_entity.id
_entity.type
_entity.pdbx_description
1 polymer 'Cellular tumor antigen p53'
2 non-polymer 2-methyl-2-{5-[(3-{4-[(1-methylpiperidin-4-yl)amino]-1-(2,2,2-trifluoroethyl)-1H-indol-2-yl}prop-2-yn-1-yl)amino]pyridin-2-yl}propanenitrile
3 non-polymer 'ZINC ION'
4 non-polymer 'CHLORIDE ION'
5 water water
#
_entity_poly.entity_id   1
_entity_poly.type   'polypeptide(L)'
_entity_poly.pdbx_seq_one_letter_code
;GSSSSVPSQKTYQGSYGFRLGFLHSGTAKSVTCTYSPALNKLFCQLAKTCPVQLWVDSTPPPGTRVRAMAIYKQSQHMTE
VVRRCPHHERCSDSDGLAPPQHLIRVEGNLRAEYLDDRNTFRHSVVVPCEPPEVGSDCTTIHYNYMCYSSCMGGMNRRPI
LTIITLEDSSGNLLGRDSFEVRVCACPGRDRRTEEENLRKKGEPHHELPPGSTKRALPNNT
;
_entity_poly.pdbx_strand_id   A,B
#
# COMPACT_ATOMS: atom_id res chain seq x y z
N SER A 5 2.97 -2.92 6.75
CA SER A 5 2.19 -1.68 6.61
C SER A 5 2.78 -0.83 5.50
N VAL A 6 1.93 -0.07 4.82
CA VAL A 6 2.32 0.71 3.65
C VAL A 6 2.38 2.17 4.06
N PRO A 7 3.51 2.85 3.88
CA PRO A 7 3.55 4.27 4.18
C PRO A 7 2.73 5.03 3.17
N SER A 8 2.17 6.15 3.62
CA SER A 8 1.42 7.00 2.71
C SER A 8 2.30 7.51 1.58
N GLN A 9 1.72 7.65 0.39
CA GLN A 9 2.39 8.32 -0.71
C GLN A 9 1.70 9.64 -1.07
N LYS A 10 0.78 10.12 -0.23
CA LYS A 10 -0.02 11.28 -0.58
C LYS A 10 0.84 12.54 -0.51
N THR A 11 0.83 13.30 -1.60
CA THR A 11 1.55 14.56 -1.64
C THR A 11 1.06 15.49 -0.55
N TYR A 12 1.99 16.09 0.18
CA TYR A 12 1.64 16.92 1.33
C TYR A 12 2.70 18.01 1.46
N GLN A 13 2.34 19.24 1.08
CA GLN A 13 3.35 20.30 1.12
C GLN A 13 3.63 20.74 2.55
N GLY A 14 2.64 20.67 3.43
CA GLY A 14 2.89 21.02 4.81
C GLY A 14 3.09 22.52 5.00
N SER A 15 3.44 22.86 6.25
CA SER A 15 3.53 24.26 6.65
CA SER A 15 3.48 24.27 6.61
C SER A 15 4.65 25.00 5.96
N TYR A 16 5.69 24.28 5.51
CA TYR A 16 6.84 24.92 4.90
C TYR A 16 6.78 24.93 3.37
N GLY A 17 5.72 24.38 2.77
CA GLY A 17 5.60 24.38 1.32
C GLY A 17 6.62 23.48 0.66
N PHE A 18 6.80 22.27 1.19
CA PHE A 18 7.82 21.34 0.72
C PHE A 18 7.42 20.67 -0.59
N ARG A 19 8.34 20.65 -1.56
CA ARG A 19 8.13 19.89 -2.79
C ARG A 19 9.48 19.65 -3.44
N LEU A 20 9.50 18.70 -4.37
CA LEU A 20 10.74 18.31 -5.05
C LEU A 20 10.91 19.07 -6.35
N GLY A 21 12.15 19.06 -6.86
CA GLY A 21 12.43 19.55 -8.19
C GLY A 21 13.45 18.64 -8.85
N PHE A 22 13.50 18.69 -10.18
CA PHE A 22 14.45 17.87 -10.93
C PHE A 22 15.12 18.73 -11.99
N LEU A 23 16.37 18.39 -12.31
CA LEU A 23 17.08 19.05 -13.39
C LEU A 23 16.43 18.73 -14.74
N HIS A 24 16.73 19.54 -15.74
CA HIS A 24 16.23 19.29 -17.09
C HIS A 24 17.42 18.77 -17.90
N SER A 25 17.59 17.44 -17.86
CA SER A 25 18.78 16.80 -18.40
C SER A 25 18.63 16.31 -19.83
N GLY A 26 17.41 16.31 -20.39
CA GLY A 26 17.23 15.88 -21.75
C GLY A 26 17.21 14.36 -21.88
N THR A 27 17.15 13.90 -23.15
CA THR A 27 16.96 12.49 -23.40
C THR A 27 18.02 11.93 -24.35
N ALA A 28 19.19 12.57 -24.40
CA ALA A 28 20.28 12.05 -25.21
C ALA A 28 20.68 10.65 -24.75
N LYS A 29 21.21 9.86 -25.70
CA LYS A 29 21.58 8.48 -25.41
C LYS A 29 22.53 8.35 -24.23
N SER A 30 23.39 9.34 -24.02
CA SER A 30 24.41 9.28 -22.98
C SER A 30 23.93 9.75 -21.62
N VAL A 31 22.70 10.28 -21.51
CA VAL A 31 22.27 10.84 -20.22
C VAL A 31 22.21 9.72 -19.18
N THR A 32 22.68 10.01 -17.97
CA THR A 32 22.70 9.02 -16.90
C THR A 32 21.50 9.12 -15.97
N CYS A 33 20.79 10.24 -15.98
CA CYS A 33 19.63 10.45 -15.13
C CYS A 33 18.76 11.48 -15.84
N THR A 34 17.47 11.21 -15.95
CA THR A 34 16.60 12.18 -16.59
C THR A 34 15.19 12.02 -16.06
N TYR A 35 14.50 13.15 -15.88
CA TYR A 35 13.21 13.16 -15.21
C TYR A 35 12.13 13.58 -16.19
N SER A 36 11.01 12.85 -16.18
CA SER A 36 9.87 13.15 -17.02
C SER A 36 8.78 13.81 -16.19
N PRO A 37 8.52 15.10 -16.35
CA PRO A 37 7.37 15.70 -15.67
C PRO A 37 6.04 15.09 -16.11
N ALA A 38 5.90 14.75 -17.39
CA ALA A 38 4.65 14.21 -17.89
C ALA A 38 4.31 12.89 -17.21
N LEU A 39 5.33 12.09 -16.90
CA LEU A 39 5.16 10.79 -16.28
C LEU A 39 5.40 10.81 -14.77
N ASN A 40 5.79 11.96 -14.21
CA ASN A 40 6.36 12.05 -12.86
C ASN A 40 7.28 10.87 -12.59
N LYS A 41 8.25 10.67 -13.47
CA LYS A 41 9.07 9.47 -13.44
C LYS A 41 10.53 9.81 -13.69
N LEU A 42 11.40 9.35 -12.79
CA LEU A 42 12.83 9.50 -12.97
C LEU A 42 13.40 8.24 -13.62
N PHE A 43 14.24 8.43 -14.62
CA PHE A 43 14.92 7.35 -15.33
C PHE A 43 16.42 7.48 -15.05
N CYS A 44 17.03 6.41 -14.54
CA CYS A 44 18.43 6.56 -14.17
C CYS A 44 19.17 5.25 -14.38
N GLN A 45 20.48 5.37 -14.46
CA GLN A 45 21.36 4.23 -14.58
C GLN A 45 21.72 3.70 -13.20
N LEU A 46 22.19 2.46 -13.18
CA LEU A 46 22.54 1.77 -11.95
C LEU A 46 23.69 2.46 -11.24
N ALA A 47 23.48 2.82 -9.97
CA ALA A 47 24.53 3.35 -9.10
C ALA A 47 25.12 4.67 -9.62
N LYS A 48 24.33 5.45 -10.35
CA LYS A 48 24.76 6.74 -10.85
C LYS A 48 24.06 7.84 -10.10
N THR A 49 24.64 9.04 -10.15
CA THR A 49 24.12 10.18 -9.40
C THR A 49 22.74 10.59 -9.90
N CYS A 50 21.76 10.64 -9.00
CA CYS A 50 20.43 11.17 -9.31
C CYS A 50 20.17 12.41 -8.48
N PRO A 51 20.32 13.62 -9.04
CA PRO A 51 20.08 14.84 -8.24
C PRO A 51 18.58 15.05 -8.03
N VAL A 52 18.19 15.29 -6.78
CA VAL A 52 16.80 15.59 -6.43
C VAL A 52 16.83 16.89 -5.66
N GLN A 53 16.11 17.89 -6.14
CA GLN A 53 16.08 19.19 -5.48
C GLN A 53 15.02 19.22 -4.39
N LEU A 54 15.33 19.92 -3.29
CA LEU A 54 14.38 20.14 -2.21
C LEU A 54 14.03 21.61 -2.19
N TRP A 55 12.72 21.91 -2.27
CA TRP A 55 12.21 23.27 -2.29
C TRP A 55 11.25 23.48 -1.12
N VAL A 56 11.36 24.63 -0.47
CA VAL A 56 10.39 25.06 0.51
C VAL A 56 10.10 26.55 0.30
N ASP A 57 8.91 26.96 0.73
CA ASP A 57 8.57 28.38 0.77
C ASP A 57 9.20 29.07 1.98
N SER A 58 9.42 28.36 3.07
CA SER A 58 10.05 28.96 4.23
C SER A 58 10.93 27.92 4.91
N THR A 59 12.03 28.39 5.48
CA THR A 59 13.04 27.51 6.04
C THR A 59 12.53 26.76 7.25
N PRO A 60 12.58 25.43 7.26
CA PRO A 60 12.19 24.67 8.47
C PRO A 60 13.29 24.69 9.52
N PRO A 61 13.01 24.17 10.72
CA PRO A 61 13.98 24.30 11.82
C PRO A 61 15.25 23.52 11.56
N PRO A 62 16.38 23.98 12.11
CA PRO A 62 17.57 23.12 12.20
C PRO A 62 17.21 21.81 12.87
N GLY A 63 17.71 20.72 12.32
CA GLY A 63 17.37 19.39 12.79
C GLY A 63 16.32 18.71 11.95
N THR A 64 15.65 19.46 11.08
CA THR A 64 14.81 18.85 10.05
C THR A 64 15.63 17.89 9.20
N ARG A 65 15.04 16.75 8.85
CA ARG A 65 15.73 15.76 8.02
C ARG A 65 14.86 15.40 6.82
N VAL A 66 15.48 14.73 5.85
CA VAL A 66 14.77 14.31 4.65
CA VAL A 66 14.80 14.32 4.62
C VAL A 66 15.04 12.84 4.43
N ARG A 67 13.96 12.06 4.31
CA ARG A 67 14.03 10.60 4.20
C ARG A 67 13.55 10.16 2.82
N ALA A 68 14.21 9.14 2.29
CA ALA A 68 13.78 8.50 1.04
C ALA A 68 13.45 7.04 1.30
N MET A 69 12.36 6.58 0.69
CA MET A 69 11.92 5.19 0.82
C MET A 69 11.27 4.78 -0.50
N ALA A 70 11.51 3.54 -0.92
CA ALA A 70 10.89 3.02 -2.12
C ALA A 70 9.71 2.13 -1.75
N ILE A 71 8.63 2.23 -2.53
CA ILE A 71 7.51 1.30 -2.43
C ILE A 71 7.14 0.86 -3.84
N TYR A 72 6.61 -0.36 -3.95
CA TYR A 72 6.07 -0.79 -5.23
C TYR A 72 4.80 0.00 -5.55
N LYS A 73 4.67 0.38 -6.82
CA LYS A 73 3.56 1.20 -7.26
C LYS A 73 2.25 0.42 -7.37
N GLN A 74 2.31 -0.84 -7.80
CA GLN A 74 1.10 -1.60 -8.06
C GLN A 74 0.49 -2.12 -6.76
N SER A 75 -0.85 -2.17 -6.75
CA SER A 75 -1.61 -2.54 -5.56
C SER A 75 -1.16 -3.87 -4.98
N GLN A 76 -0.98 -4.88 -5.82
CA GLN A 76 -0.69 -6.21 -5.32
C GLN A 76 0.73 -6.35 -4.82
N HIS A 77 1.58 -5.35 -5.04
CA HIS A 77 2.97 -5.42 -4.61
C HIS A 77 3.33 -4.40 -3.55
N MET A 78 2.45 -3.45 -3.24
CA MET A 78 2.84 -2.35 -2.37
C MET A 78 3.18 -2.81 -0.95
N THR A 79 2.60 -3.93 -0.49
CA THR A 79 2.96 -4.38 0.86
C THR A 79 4.28 -5.15 0.91
N GLU A 80 4.91 -5.43 -0.23
CA GLU A 80 6.19 -6.11 -0.25
C GLU A 80 7.33 -5.11 -0.09
N VAL A 81 8.28 -5.42 0.79
CA VAL A 81 9.44 -4.54 0.96
C VAL A 81 10.23 -4.48 -0.33
N VAL A 82 10.51 -3.26 -0.80
CA VAL A 82 11.41 -3.05 -1.93
C VAL A 82 12.85 -3.24 -1.45
N ARG A 83 13.57 -4.19 -2.04
CA ARG A 83 14.93 -4.48 -1.62
C ARG A 83 15.77 -4.85 -2.84
N ARG A 84 17.08 -4.91 -2.63
CA ARG A 84 17.93 -5.34 -3.72
C ARG A 84 17.79 -6.84 -3.95
N CYS A 85 18.11 -7.23 -5.18
CA CYS A 85 17.90 -8.58 -5.68
C CYS A 85 18.93 -9.53 -5.08
N PRO A 86 18.73 -10.85 -5.22
CA PRO A 86 19.67 -11.79 -4.60
C PRO A 86 21.09 -11.65 -5.10
N HIS A 87 21.30 -11.16 -6.33
CA HIS A 87 22.65 -10.96 -6.80
C HIS A 87 23.28 -9.72 -6.19
N HIS A 88 22.57 -8.59 -6.24
CA HIS A 88 23.20 -7.34 -5.83
C HIS A 88 23.34 -7.25 -4.31
N GLU A 89 22.43 -7.89 -3.55
CA GLU A 89 22.61 -7.83 -2.10
C GLU A 89 23.83 -8.59 -1.66
N ARG A 90 24.35 -9.49 -2.51
CA ARG A 90 25.52 -10.29 -2.19
C ARG A 90 26.81 -9.82 -2.87
N CYS A 91 26.81 -8.67 -3.55
CA CYS A 91 28.01 -8.34 -4.31
CA CYS A 91 27.95 -8.20 -4.34
C CYS A 91 29.03 -7.52 -3.51
N SER A 92 28.83 -7.34 -2.20
CA SER A 92 29.84 -6.73 -1.31
C SER A 92 30.26 -5.35 -1.80
N ASP A 93 29.28 -4.49 -2.06
CA ASP A 93 29.55 -3.15 -2.58
C ASP A 93 29.10 -2.04 -1.63
N SER A 94 28.93 -2.33 -0.34
CA SER A 94 28.52 -1.27 0.59
C SER A 94 29.63 -0.22 0.74
N ASP A 95 29.22 1.03 0.86
CA ASP A 95 30.17 2.11 1.13
C ASP A 95 30.55 2.20 2.59
N GLY A 96 30.01 1.32 3.43
CA GLY A 96 30.25 1.35 4.85
C GLY A 96 29.11 1.94 5.66
N LEU A 97 28.19 2.65 5.00
CA LEU A 97 26.98 3.15 5.65
C LEU A 97 25.76 2.35 5.23
N ALA A 98 25.60 2.12 3.93
CA ALA A 98 24.39 1.51 3.42
C ALA A 98 24.42 -0.01 3.61
N PRO A 99 23.41 -0.60 4.24
CA PRO A 99 23.33 -2.05 4.26
C PRO A 99 23.24 -2.57 2.84
N PRO A 100 23.86 -3.73 2.54
CA PRO A 100 23.86 -4.22 1.16
C PRO A 100 22.47 -4.52 0.60
N GLN A 101 21.45 -4.65 1.45
CA GLN A 101 20.09 -4.90 0.97
C GLN A 101 19.39 -3.64 0.47
N HIS A 102 19.87 -2.44 0.81
CA HIS A 102 19.11 -1.23 0.55
C HIS A 102 19.20 -0.79 -0.90
N LEU A 103 18.05 -0.56 -1.53
CA LEU A 103 18.03 -0.09 -2.91
C LEU A 103 18.55 1.34 -3.04
N ILE A 104 18.12 2.24 -2.16
CA ILE A 104 18.40 3.67 -2.30
C ILE A 104 19.57 4.03 -1.39
N ARG A 105 20.62 4.62 -1.96
CA ARG A 105 21.69 5.20 -1.17
C ARG A 105 21.74 6.70 -1.38
N VAL A 106 22.33 7.40 -0.42
CA VAL A 106 22.70 8.81 -0.60
C VAL A 106 24.19 8.86 -0.90
N GLU A 107 24.54 9.59 -1.95
CA GLU A 107 25.91 9.77 -2.38
C GLU A 107 26.46 11.06 -1.77
N GLY A 108 27.67 10.98 -1.21
CA GLY A 108 28.39 12.18 -0.81
C GLY A 108 27.85 12.91 0.40
N ASN A 109 27.36 12.18 1.40
CA ASN A 109 26.94 12.81 2.65
C ASN A 109 27.25 11.83 3.77
N LEU A 110 28.30 12.12 4.53
CA LEU A 110 28.72 11.22 5.60
C LEU A 110 27.72 11.17 6.74
N ARG A 111 26.73 12.07 6.77
CA ARG A 111 25.70 12.04 7.81
C ARG A 111 24.46 11.26 7.41
N ALA A 112 24.49 10.60 6.26
CA ALA A 112 23.40 9.72 5.88
C ALA A 112 23.27 8.58 6.88
N GLU A 113 22.03 8.28 7.25
CA GLU A 113 21.71 7.19 8.15
C GLU A 113 20.74 6.25 7.46
N TYR A 114 20.93 4.95 7.65
CA TYR A 114 20.10 3.95 7.02
C TYR A 114 19.26 3.24 8.07
N LEU A 115 17.97 3.10 7.80
CA LEU A 115 17.04 2.50 8.75
C LEU A 115 16.47 1.21 8.16
N ASP A 116 16.54 0.11 8.95
CA ASP A 116 15.69 -1.05 8.78
C ASP A 116 14.58 -0.91 9.82
N ASP A 117 13.36 -0.63 9.36
CA ASP A 117 12.26 -0.43 10.31
C ASP A 117 12.01 -1.72 11.09
N ARG A 118 12.01 -1.61 12.43
CA ARG A 118 11.89 -2.81 13.24
C ARG A 118 10.51 -3.45 13.12
N ASN A 119 9.49 -2.69 12.75
CA ASN A 119 8.14 -3.22 12.67
C ASN A 119 7.71 -3.57 11.25
N THR A 120 8.06 -2.76 10.26
CA THR A 120 7.64 -3.00 8.89
C THR A 120 8.73 -3.63 8.03
N PHE A 121 9.97 -3.65 8.50
CA PHE A 121 11.13 -4.17 7.78
C PHE A 121 11.48 -3.36 6.54
N ARG A 122 10.88 -2.19 6.36
CA ARG A 122 11.19 -1.38 5.18
C ARG A 122 12.48 -0.60 5.37
N HIS A 123 13.13 -0.32 4.25
CA HIS A 123 14.41 0.37 4.22
C HIS A 123 14.22 1.84 3.93
N SER A 124 15.04 2.68 4.55
CA SER A 124 15.02 4.09 4.17
C SER A 124 16.38 4.68 4.46
N VAL A 125 16.65 5.83 3.84
CA VAL A 125 17.89 6.55 4.07
C VAL A 125 17.52 8.00 4.37
N VAL A 126 18.14 8.57 5.39
CA VAL A 126 17.75 9.89 5.88
C VAL A 126 19.00 10.74 6.08
N VAL A 127 18.91 12.01 5.72
CA VAL A 127 20.04 12.95 5.89
C VAL A 127 19.52 14.22 6.54
N PRO A 128 20.39 14.96 7.23
CA PRO A 128 19.99 16.29 7.70
C PRO A 128 19.77 17.22 6.52
N CYS A 129 18.86 18.18 6.68
CA CYS A 129 18.60 19.22 5.69
CA CYS A 129 18.83 19.15 5.61
C CYS A 129 19.31 20.50 6.09
N GLU A 130 19.82 21.24 5.12
CA GLU A 130 20.50 22.50 5.31
C GLU A 130 19.88 23.51 4.36
N PRO A 131 20.02 24.79 4.64
CA PRO A 131 19.56 25.80 3.68
C PRO A 131 20.44 25.79 2.45
N PRO A 132 19.98 26.39 1.35
CA PRO A 132 20.79 26.41 0.12
C PRO A 132 22.12 27.10 0.32
N GLU A 133 23.11 26.68 -0.45
CA GLU A 133 24.37 27.41 -0.51
C GLU A 133 24.14 28.82 -1.03
N VAL A 134 25.08 29.72 -0.72
CA VAL A 134 24.94 31.11 -1.14
C VAL A 134 24.82 31.16 -2.65
N GLY A 135 23.87 31.96 -3.14
CA GLY A 135 23.60 32.05 -4.56
C GLY A 135 22.75 30.94 -5.14
N SER A 136 22.30 29.98 -4.34
CA SER A 136 21.41 28.94 -4.81
C SER A 136 20.04 29.11 -4.16
N ASP A 137 18.99 28.60 -4.83
CA ASP A 137 17.63 28.73 -4.33
C ASP A 137 17.05 27.44 -3.79
N CYS A 138 17.75 26.32 -3.92
CA CYS A 138 17.27 25.06 -3.39
C CYS A 138 18.47 24.24 -2.94
N THR A 139 18.17 23.19 -2.20
CA THR A 139 19.20 22.22 -1.88
CA THR A 139 19.12 22.16 -1.78
C THR A 139 18.99 20.96 -2.72
N THR A 140 20.06 20.21 -2.88
CA THR A 140 20.05 19.04 -3.74
C THR A 140 20.59 17.86 -2.96
N ILE A 141 19.89 16.72 -3.04
N ILE A 141 19.87 16.73 -3.04
CA ILE A 141 20.38 15.45 -2.53
CA ILE A 141 20.35 15.45 -2.55
C ILE A 141 20.73 14.57 -3.72
C ILE A 141 20.78 14.64 -3.77
N HIS A 142 21.86 13.88 -3.62
CA HIS A 142 22.30 12.96 -4.67
C HIS A 142 21.94 11.55 -4.22
N TYR A 143 21.01 10.91 -4.93
CA TYR A 143 20.65 9.53 -4.64
C TYR A 143 21.30 8.59 -5.66
N ASN A 144 21.52 7.35 -5.23
CA ASN A 144 21.93 6.26 -6.11
C ASN A 144 20.94 5.11 -5.94
N TYR A 145 20.55 4.49 -7.04
CA TYR A 145 19.71 3.30 -7.03
C TYR A 145 20.55 2.10 -7.40
N MET A 146 20.51 1.05 -6.58
CA MET A 146 21.56 0.03 -6.58
C MET A 146 21.10 -1.29 -7.18
N CYS A 147 19.94 -1.30 -7.84
CA CYS A 147 19.46 -2.42 -8.64
C CYS A 147 18.78 -1.86 -9.87
N TYR A 148 18.81 -2.63 -10.95
CA TYR A 148 17.98 -2.32 -12.11
C TYR A 148 16.52 -2.66 -11.82
N SER A 149 15.62 -1.91 -12.45
CA SER A 149 14.20 -2.27 -12.38
C SER A 149 13.95 -3.71 -12.80
N SER A 150 14.75 -4.23 -13.72
CA SER A 150 14.57 -5.58 -14.24
C SER A 150 15.24 -6.67 -13.41
N CYS A 151 15.91 -6.33 -12.30
CA CYS A 151 16.64 -7.34 -11.54
C CYS A 151 15.72 -8.45 -11.03
N MET A 152 15.96 -9.68 -11.47
CA MET A 152 15.10 -10.79 -11.08
C MET A 152 15.31 -11.14 -9.62
N GLY A 153 14.23 -11.48 -8.93
CA GLY A 153 14.27 -11.69 -7.50
C GLY A 153 14.32 -10.42 -6.67
N GLY A 154 14.49 -9.27 -7.31
CA GLY A 154 14.33 -7.99 -6.64
C GLY A 154 13.11 -7.29 -7.18
N MET A 155 13.30 -6.10 -7.76
CA MET A 155 12.16 -5.38 -8.32
C MET A 155 11.45 -6.18 -9.41
N ASN A 156 12.17 -7.01 -10.16
CA ASN A 156 11.52 -8.04 -10.99
C ASN A 156 10.62 -7.39 -12.05
N ARG A 157 11.05 -6.25 -12.59
CA ARG A 157 10.36 -5.45 -13.60
C ARG A 157 9.15 -4.71 -13.04
N ARG A 158 8.95 -4.71 -11.72
CA ARG A 158 7.81 -4.00 -11.17
C ARG A 158 8.16 -2.53 -10.94
N PRO A 159 7.27 -1.62 -11.33
CA PRO A 159 7.54 -0.20 -11.09
C PRO A 159 7.54 0.13 -9.60
N ILE A 160 8.42 1.07 -9.22
CA ILE A 160 8.48 1.56 -7.85
C ILE A 160 8.26 3.06 -7.84
N LEU A 161 7.85 3.55 -6.67
CA LEU A 161 7.86 4.96 -6.34
C LEU A 161 8.92 5.21 -5.28
N THR A 162 9.55 6.38 -5.35
CA THR A 162 10.35 6.88 -4.24
C THR A 162 9.50 7.92 -3.52
N ILE A 163 9.36 7.75 -2.21
CA ILE A 163 8.65 8.70 -1.36
C ILE A 163 9.69 9.49 -0.59
N ILE A 164 9.67 10.81 -0.73
CA ILE A 164 10.58 11.70 -0.03
C ILE A 164 9.77 12.40 1.05
N THR A 165 10.19 12.27 2.31
CA THR A 165 9.51 12.93 3.42
C THR A 165 10.43 13.91 4.11
N LEU A 166 9.90 15.10 4.35
CA LEU A 166 10.51 16.07 5.25
C LEU A 166 10.01 15.76 6.66
N GLU A 167 10.95 15.64 7.61
CA GLU A 167 10.66 15.20 8.98
C GLU A 167 11.29 16.15 9.99
N ASP A 168 10.65 16.29 11.14
CA ASP A 168 11.33 17.01 12.21
C ASP A 168 12.34 16.08 12.88
N SER A 169 13.02 16.58 13.92
CA SER A 169 14.10 15.79 14.51
C SER A 169 13.59 14.51 15.19
N SER A 170 12.30 14.43 15.52
CA SER A 170 11.71 13.23 16.09
C SER A 170 11.23 12.26 15.03
N GLY A 171 11.26 12.63 13.76
CA GLY A 171 10.70 11.82 12.70
C GLY A 171 9.25 12.12 12.35
N ASN A 172 8.65 13.13 12.97
CA ASN A 172 7.28 13.49 12.64
C ASN A 172 7.20 14.12 11.25
N LEU A 173 6.09 13.85 10.56
CA LEU A 173 5.93 14.31 9.18
C LEU A 173 5.78 15.81 9.10
N LEU A 174 6.57 16.44 8.24
CA LEU A 174 6.39 17.84 7.87
C LEU A 174 5.99 18.04 6.42
N GLY A 175 6.34 17.10 5.53
CA GLY A 175 6.02 17.24 4.13
C GLY A 175 6.32 15.95 3.42
N ARG A 176 5.70 15.77 2.25
CA ARG A 176 5.84 14.53 1.50
C ARG A 176 5.67 14.78 0.01
N ASP A 177 6.51 14.13 -0.79
CA ASP A 177 6.39 14.16 -2.25
C ASP A 177 6.87 12.82 -2.74
N SER A 178 6.68 12.55 -4.04
CA SER A 178 7.04 11.23 -4.53
C SER A 178 7.20 11.29 -6.05
N PHE A 179 7.91 10.29 -6.58
CA PHE A 179 8.10 10.15 -8.02
C PHE A 179 8.34 8.69 -8.36
N GLU A 180 7.92 8.28 -9.56
CA GLU A 180 8.20 6.93 -10.03
C GLU A 180 9.67 6.86 -10.46
N VAL A 181 10.24 5.66 -10.41
CA VAL A 181 11.65 5.47 -10.77
C VAL A 181 11.78 4.26 -11.67
N ARG A 182 12.53 4.41 -12.75
CA ARG A 182 12.98 3.28 -13.54
C ARG A 182 14.49 3.30 -13.56
N VAL A 183 15.12 2.22 -13.09
CA VAL A 183 16.56 2.08 -13.17
C VAL A 183 16.86 1.21 -14.37
N CYS A 184 17.57 1.75 -15.36
CA CYS A 184 17.71 1.08 -16.63
C CYS A 184 19.04 1.46 -17.27
N ALA A 185 19.37 0.74 -18.35
CA ALA A 185 20.65 0.95 -19.02
C ALA A 185 20.68 2.24 -19.84
N CYS A 186 19.56 2.60 -20.47
CA CYS A 186 19.49 3.78 -21.34
CA CYS A 186 19.50 3.79 -21.32
C CYS A 186 18.32 4.65 -20.91
N PRO A 187 18.48 5.45 -19.85
CA PRO A 187 17.37 6.32 -19.40
C PRO A 187 16.82 7.23 -20.49
N GLY A 188 17.70 7.80 -21.31
CA GLY A 188 17.24 8.73 -22.33
C GLY A 188 16.30 8.08 -23.33
N ARG A 189 16.68 6.91 -23.84
CA ARG A 189 15.81 6.21 -24.78
C ARG A 189 14.52 5.76 -24.08
N ASP A 190 14.62 5.28 -22.85
CA ASP A 190 13.43 4.80 -22.17
C ASP A 190 12.47 5.93 -21.85
N ARG A 191 12.98 7.09 -21.47
CA ARG A 191 12.10 8.23 -21.24
C ARG A 191 11.40 8.63 -22.54
N ARG A 192 12.15 8.71 -23.65
CA ARG A 192 11.55 9.08 -24.93
C ARG A 192 10.47 8.08 -25.31
N THR A 193 10.76 6.79 -25.18
CA THR A 193 9.81 5.75 -25.54
C THR A 193 8.54 5.86 -24.70
N GLU A 194 8.69 5.94 -23.37
CA GLU A 194 7.50 5.99 -22.54
C GLU A 194 6.74 7.30 -22.74
N GLU A 195 7.46 8.39 -23.04
CA GLU A 195 6.75 9.63 -23.35
C GLU A 195 6.05 9.55 -24.70
N GLU A 196 6.71 8.95 -25.69
CA GLU A 196 6.04 8.73 -26.97
C GLU A 196 4.87 7.76 -26.81
N ASN A 197 5.04 6.74 -25.96
CA ASN A 197 3.93 5.84 -25.63
C ASN A 197 2.76 6.64 -25.05
N LEU A 198 3.00 7.38 -23.97
CA LEU A 198 1.96 8.20 -23.37
C LEU A 198 1.30 9.10 -24.41
N ARG A 199 2.09 9.67 -25.32
CA ARG A 199 1.54 10.59 -26.31
C ARG A 199 0.64 9.87 -27.31
N LYS A 200 1.00 8.65 -27.69
CA LYS A 200 0.21 7.89 -28.66
C LYS A 200 -1.10 7.42 -28.02
N SER B 2 -22.02 -24.99 12.09
CA SER B 2 -23.28 -24.24 12.02
C SER B 2 -23.47 -23.36 13.25
N SER B 3 -23.70 -22.07 13.01
CA SER B 3 -23.87 -21.09 14.06
C SER B 3 -25.34 -21.03 14.50
N SER B 4 -25.56 -20.69 15.76
CA SER B 4 -26.92 -20.57 16.26
C SER B 4 -27.55 -19.22 15.91
N SER B 5 -26.83 -18.36 15.21
CA SER B 5 -27.34 -17.05 14.85
C SER B 5 -26.68 -16.57 13.57
N VAL B 6 -27.16 -15.45 13.06
CA VAL B 6 -26.58 -14.80 11.89
C VAL B 6 -26.34 -13.34 12.23
N PRO B 7 -25.11 -12.82 12.06
CA PRO B 7 -24.87 -11.39 12.35
C PRO B 7 -25.68 -10.50 11.42
N SER B 8 -26.14 -9.39 11.97
CA SER B 8 -26.89 -8.44 11.16
C SER B 8 -25.99 -7.88 10.05
N GLN B 9 -26.61 -7.62 8.90
CA GLN B 9 -25.89 -6.97 7.81
C GLN B 9 -26.48 -5.62 7.48
N LYS B 10 -27.30 -5.07 8.38
CA LYS B 10 -27.96 -3.81 8.10
CA LYS B 10 -27.96 -3.81 8.11
C LYS B 10 -26.96 -2.67 8.14
N THR B 11 -26.92 -1.89 7.06
CA THR B 11 -26.07 -0.70 7.03
C THR B 11 -26.51 0.28 8.11
N TYR B 12 -25.54 0.81 8.85
CA TYR B 12 -25.82 1.67 10.01
C TYR B 12 -24.69 2.67 10.12
N GLN B 13 -24.93 3.93 9.75
CA GLN B 13 -23.85 4.90 9.83
C GLN B 13 -23.56 5.30 11.26
N GLY B 14 -24.55 5.27 12.13
CA GLY B 14 -24.34 5.61 13.53
C GLY B 14 -24.06 7.08 13.73
N SER B 15 -23.70 7.41 14.98
CA SER B 15 -23.50 8.81 15.36
CA SER B 15 -23.54 8.83 15.32
C SER B 15 -22.32 9.45 14.65
N TYR B 16 -21.35 8.66 14.21
CA TYR B 16 -20.14 9.19 13.60
C TYR B 16 -20.19 9.21 12.09
N GLY B 17 -21.26 8.71 11.48
CA GLY B 17 -21.39 8.73 10.04
C GLY B 17 -20.43 7.78 9.36
N PHE B 18 -20.37 6.54 9.85
CA PHE B 18 -19.39 5.57 9.39
C PHE B 18 -19.82 4.94 8.08
N ARG B 19 -18.89 4.84 7.14
CA ARG B 19 -19.13 4.10 5.89
C ARG B 19 -17.79 3.75 5.26
N LEU B 20 -17.82 2.76 4.36
CA LEU B 20 -16.62 2.34 3.65
C LEU B 20 -16.44 3.13 2.37
N GLY B 21 -15.23 3.04 1.82
CA GLY B 21 -14.96 3.54 0.48
C GLY B 21 -14.01 2.59 -0.22
N PHE B 22 -14.10 2.59 -1.55
CA PHE B 22 -13.27 1.71 -2.36
C PHE B 22 -12.61 2.52 -3.47
N LEU B 23 -11.41 2.08 -3.85
CA LEU B 23 -10.70 2.71 -4.97
C LEU B 23 -11.38 2.35 -6.29
N HIS B 24 -11.00 3.08 -7.34
CA HIS B 24 -11.51 2.83 -8.68
C HIS B 24 -10.37 2.17 -9.47
N SER B 25 -10.37 0.85 -9.47
CA SER B 25 -9.24 0.09 -9.96
C SER B 25 -9.41 -0.41 -11.39
N GLY B 26 -10.61 -0.27 -11.97
CA GLY B 26 -10.83 -0.72 -13.32
C GLY B 26 -11.05 -2.22 -13.42
N THR B 27 -11.18 -2.69 -14.67
CA THR B 27 -11.48 -4.08 -14.93
C THR B 27 -10.51 -4.71 -15.93
N ALA B 28 -9.29 -4.21 -16.00
CA ALA B 28 -8.29 -4.82 -16.88
C ALA B 28 -8.08 -6.28 -16.48
N LYS B 29 -7.71 -7.10 -17.47
CA LYS B 29 -7.46 -8.52 -17.20
C LYS B 29 -6.44 -8.71 -16.08
N SER B 30 -5.54 -7.74 -15.89
CA SER B 30 -4.43 -7.88 -14.96
C SER B 30 -4.76 -7.39 -13.54
N VAL B 31 -5.93 -6.78 -13.33
CA VAL B 31 -6.21 -6.18 -12.03
C VAL B 31 -6.41 -7.28 -10.99
N THR B 32 -5.94 -7.04 -9.77
CA THR B 32 -5.96 -8.05 -8.72
C THR B 32 -7.01 -7.80 -7.65
N CYS B 33 -7.60 -6.62 -7.64
CA CYS B 33 -8.62 -6.24 -6.67
C CYS B 33 -9.43 -5.15 -7.33
N THR B 34 -10.74 -5.34 -7.44
CA THR B 34 -11.54 -4.29 -8.05
C THR B 34 -12.94 -4.32 -7.46
N TYR B 35 -13.51 -3.14 -7.22
CA TYR B 35 -14.79 -3.00 -6.56
C TYR B 35 -15.85 -2.51 -7.53
N SER B 36 -17.01 -3.18 -7.55
CA SER B 36 -18.17 -2.81 -8.36
C SER B 36 -19.19 -2.09 -7.50
N PRO B 37 -19.34 -0.76 -7.62
CA PRO B 37 -20.43 -0.09 -6.90
C PRO B 37 -21.80 -0.56 -7.31
N ALA B 38 -21.99 -0.93 -8.59
CA ALA B 38 -23.31 -1.33 -9.05
C ALA B 38 -23.75 -2.66 -8.43
N LEU B 39 -22.81 -3.55 -8.14
CA LEU B 39 -23.11 -4.80 -7.48
C LEU B 39 -22.85 -4.77 -5.98
N ASN B 40 -22.27 -3.68 -5.47
CA ASN B 40 -21.70 -3.63 -4.12
C ASN B 40 -20.87 -4.88 -3.84
N LYS B 41 -19.92 -5.14 -4.74
CA LYS B 41 -19.20 -6.41 -4.73
C LYS B 41 -17.73 -6.19 -5.03
N LEU B 42 -16.88 -6.72 -4.16
CA LEU B 42 -15.44 -6.68 -4.34
C LEU B 42 -14.99 -7.96 -5.03
N PHE B 43 -14.17 -7.83 -6.07
CA PHE B 43 -13.58 -8.97 -6.76
C PHE B 43 -12.07 -8.93 -6.54
N CYS B 44 -11.50 -10.03 -6.07
CA CYS B 44 -10.08 -10.00 -5.75
C CYS B 44 -9.47 -11.36 -6.00
N GLN B 45 -8.16 -11.37 -6.24
CA GLN B 45 -7.40 -12.59 -6.34
C GLN B 45 -7.06 -13.12 -4.95
N LEU B 46 -6.72 -14.40 -4.91
CA LEU B 46 -6.40 -15.07 -3.66
C LEU B 46 -5.22 -14.40 -2.96
N ALA B 47 -5.43 -14.02 -1.71
CA ALA B 47 -4.41 -13.51 -0.79
C ALA B 47 -3.80 -12.19 -1.23
N LYS B 48 -4.42 -11.48 -2.17
CA LYS B 48 -3.92 -10.20 -2.62
C LYS B 48 -4.46 -9.07 -1.76
N THR B 49 -3.71 -7.96 -1.75
CA THR B 49 -4.06 -6.81 -0.93
C THR B 49 -5.35 -6.16 -1.42
N CYS B 50 -6.32 -6.01 -0.51
CA CYS B 50 -7.59 -5.35 -0.82
C CYS B 50 -7.72 -4.11 0.04
N PRO B 51 -7.48 -2.92 -0.52
CA PRO B 51 -7.58 -1.69 0.29
C PRO B 51 -9.04 -1.32 0.48
N VAL B 52 -9.42 -1.07 1.74
CA VAL B 52 -10.77 -0.61 2.05
C VAL B 52 -10.64 0.67 2.87
N GLN B 53 -11.31 1.73 2.42
CA GLN B 53 -11.26 3.00 3.15
C GLN B 53 -12.29 3.03 4.26
N LEU B 54 -11.94 3.71 5.35
CA LEU B 54 -12.86 3.96 6.45
C LEU B 54 -13.11 5.46 6.51
N TRP B 55 -14.39 5.84 6.44
CA TRP B 55 -14.81 7.23 6.48
C TRP B 55 -15.75 7.46 7.65
N VAL B 56 -15.58 8.59 8.32
CA VAL B 56 -16.57 9.07 9.28
C VAL B 56 -16.75 10.57 9.08
N ASP B 57 -17.89 11.07 9.53
CA ASP B 57 -18.11 12.52 9.54
C ASP B 57 -17.47 13.18 10.75
N SER B 58 -17.35 12.45 11.86
CA SER B 58 -16.72 12.95 13.06
C SER B 58 -15.91 11.84 13.71
N THR B 59 -14.80 12.22 14.32
CA THR B 59 -13.86 11.26 14.86
C THR B 59 -14.45 10.54 16.07
N PRO B 60 -14.52 9.21 16.05
CA PRO B 60 -15.01 8.47 17.23
C PRO B 60 -13.94 8.39 18.30
N PRO B 61 -14.28 7.90 19.50
CA PRO B 61 -13.32 7.96 20.62
C PRO B 61 -12.11 7.10 20.37
N PRO B 62 -10.96 7.46 20.96
CA PRO B 62 -9.85 6.52 21.05
C PRO B 62 -10.34 5.21 21.67
N GLY B 63 -9.85 4.10 21.14
CA GLY B 63 -10.29 2.79 21.58
C GLY B 63 -11.37 2.18 20.72
N THR B 64 -11.95 2.98 19.84
CA THR B 64 -12.83 2.45 18.80
C THR B 64 -12.05 1.47 17.95
N ARG B 65 -12.70 0.37 17.54
CA ARG B 65 -12.05 -0.63 16.72
C ARG B 65 -12.94 -0.93 15.50
N VAL B 66 -12.34 -1.60 14.51
CA VAL B 66 -13.02 -1.98 13.28
CA VAL B 66 -13.05 -1.98 13.29
C VAL B 66 -12.85 -3.48 13.09
N ARG B 67 -13.96 -4.19 12.93
CA ARG B 67 -13.97 -5.64 12.86
C ARG B 67 -14.50 -6.06 11.49
N ALA B 68 -13.91 -7.10 10.93
CA ALA B 68 -14.37 -7.69 9.68
C ALA B 68 -14.76 -9.15 9.93
N MET B 69 -15.86 -9.55 9.31
CA MET B 69 -16.39 -10.91 9.45
C MET B 69 -17.08 -11.27 8.15
N ALA B 70 -16.97 -12.54 7.73
CA ALA B 70 -17.64 -13.01 6.52
C ALA B 70 -18.82 -13.90 6.87
N ILE B 71 -19.91 -13.77 6.11
CA ILE B 71 -21.04 -14.70 6.17
C ILE B 71 -21.42 -15.07 4.74
N TYR B 72 -22.09 -16.22 4.60
CA TYR B 72 -22.66 -16.55 3.31
C TYR B 72 -23.85 -15.65 3.01
N LYS B 73 -23.99 -15.29 1.73
CA LYS B 73 -25.01 -14.34 1.33
C LYS B 73 -26.39 -14.99 1.18
N GLN B 74 -26.44 -16.24 0.73
CA GLN B 74 -27.70 -16.90 0.51
C GLN B 74 -28.35 -17.34 1.82
N SER B 75 -29.66 -17.11 1.92
CA SER B 75 -30.41 -17.38 3.13
C SER B 75 -30.12 -18.78 3.68
N GLN B 76 -30.12 -19.79 2.80
CA GLN B 76 -30.01 -21.17 3.27
C GLN B 76 -28.61 -21.53 3.72
N HIS B 77 -27.63 -20.66 3.53
CA HIS B 77 -26.26 -20.92 3.97
C HIS B 77 -25.80 -19.96 5.06
N MET B 78 -26.63 -18.99 5.45
CA MET B 78 -26.15 -17.94 6.34
C MET B 78 -25.66 -18.48 7.68
N THR B 79 -26.24 -19.58 8.16
CA THR B 79 -25.80 -20.08 9.47
C THR B 79 -24.52 -20.88 9.41
N GLU B 80 -23.98 -21.16 8.23
CA GLU B 80 -22.73 -21.91 8.16
C GLU B 80 -21.54 -20.96 8.33
N VAL B 81 -20.66 -21.29 9.27
CA VAL B 81 -19.46 -20.47 9.48
C VAL B 81 -18.60 -20.49 8.22
N VAL B 82 -18.25 -19.30 7.74
CA VAL B 82 -17.34 -19.15 6.61
C VAL B 82 -15.92 -19.37 7.12
N ARG B 83 -15.21 -20.32 6.50
CA ARG B 83 -13.86 -20.65 6.93
C ARG B 83 -13.05 -21.09 5.72
N ARG B 84 -11.74 -21.19 5.91
CA ARG B 84 -10.92 -21.70 4.81
C ARG B 84 -11.16 -23.20 4.62
N CYS B 85 -10.91 -23.65 3.39
CA CYS B 85 -11.17 -25.01 2.96
C CYS B 85 -10.12 -25.97 3.54
N PRO B 86 -10.36 -27.28 3.44
CA PRO B 86 -9.41 -28.24 4.02
C PRO B 86 -8.00 -28.16 3.46
N HIS B 87 -7.85 -27.68 2.22
CA HIS B 87 -6.52 -27.48 1.67
C HIS B 87 -5.86 -26.22 2.21
N HIS B 88 -6.54 -25.07 2.07
CA HIS B 88 -5.84 -23.83 2.43
C HIS B 88 -5.63 -23.70 3.92
N GLU B 89 -6.48 -24.32 4.75
CA GLU B 89 -6.21 -24.20 6.18
C GLU B 89 -4.93 -24.93 6.56
N ARG B 90 -4.40 -25.79 5.69
CA ARG B 90 -3.19 -26.55 5.97
C ARG B 90 -2.00 -26.12 5.12
N CYS B 91 -2.12 -25.06 4.35
CA CYS B 91 -0.98 -24.47 3.64
CA CYS B 91 -0.90 -24.62 3.69
C CYS B 91 -0.12 -23.70 4.63
N SER B 92 1.19 -23.68 4.41
CA SER B 92 2.04 -22.99 5.38
C SER B 92 2.20 -21.53 4.95
N ASP B 93 1.08 -20.81 5.02
CA ASP B 93 1.04 -19.41 4.62
C ASP B 93 0.68 -18.50 5.78
N SER B 94 0.97 -18.94 7.00
CA SER B 94 0.75 -18.12 8.18
C SER B 94 1.56 -16.84 8.10
N ASP B 95 0.98 -15.75 8.62
CA ASP B 95 1.69 -14.51 8.78
C ASP B 95 2.17 -14.30 10.22
N GLY B 96 2.05 -15.34 11.06
CA GLY B 96 2.43 -15.27 12.44
C GLY B 96 1.33 -14.81 13.38
N LEU B 97 0.21 -14.33 12.85
CA LEU B 97 -0.85 -13.77 13.69
CA LEU B 97 -0.85 -13.77 13.69
C LEU B 97 -2.19 -14.43 13.38
N ALA B 98 -2.55 -14.50 12.11
CA ALA B 98 -3.85 -15.03 11.72
C ALA B 98 -3.89 -16.53 11.97
N PRO B 99 -4.93 -17.05 12.62
CA PRO B 99 -5.13 -18.49 12.64
C PRO B 99 -5.28 -19.00 11.23
N PRO B 100 -4.75 -20.18 10.93
CA PRO B 100 -4.79 -20.69 9.55
C PRO B 100 -6.19 -20.98 9.04
N GLN B 101 -7.18 -21.06 9.93
CA GLN B 101 -8.56 -21.32 9.51
C GLN B 101 -9.29 -20.08 9.02
N HIS B 102 -8.78 -18.88 9.33
CA HIS B 102 -9.53 -17.65 9.04
C HIS B 102 -9.44 -17.23 7.58
N LEU B 103 -10.61 -16.97 6.99
CA LEU B 103 -10.65 -16.50 5.61
C LEU B 103 -10.08 -15.09 5.46
N ILE B 104 -10.47 -14.18 6.36
CA ILE B 104 -10.11 -12.77 6.25
C ILE B 104 -8.92 -12.47 7.15
N ARG B 105 -7.87 -11.90 6.56
CA ARG B 105 -6.74 -11.39 7.33
C ARG B 105 -6.66 -9.88 7.15
N VAL B 106 -6.10 -9.21 8.14
CA VAL B 106 -5.65 -7.83 7.97
C VAL B 106 -4.16 -7.88 7.68
N GLU B 107 -3.75 -7.17 6.64
CA GLU B 107 -2.38 -7.19 6.20
C GLU B 107 -1.63 -6.02 6.81
N GLY B 108 -0.47 -6.31 7.39
CA GLY B 108 0.44 -5.26 7.82
C GLY B 108 -0.05 -4.41 8.98
N ASN B 109 -0.73 -5.00 9.95
CA ASN B 109 -1.12 -4.31 11.18
C ASN B 109 -0.77 -5.22 12.34
N LEU B 110 0.26 -4.85 13.10
CA LEU B 110 0.71 -5.70 14.20
C LEU B 110 -0.28 -5.74 15.36
N ARG B 111 -1.26 -4.83 15.41
CA ARG B 111 -2.26 -4.85 16.45
C ARG B 111 -3.53 -5.57 16.03
N ALA B 112 -3.51 -6.29 14.91
CA ALA B 112 -4.66 -7.10 14.53
C ALA B 112 -4.90 -8.18 15.56
N GLU B 113 -6.18 -8.41 15.88
CA GLU B 113 -6.58 -9.49 16.76
C GLU B 113 -7.58 -10.36 16.02
N TYR B 114 -7.45 -11.67 16.21
CA TYR B 114 -8.31 -12.65 15.55
C TYR B 114 -9.13 -13.35 16.61
N LEU B 115 -10.44 -13.39 16.40
CA LEU B 115 -11.37 -13.99 17.35
C LEU B 115 -12.02 -15.22 16.74
N ASP B 116 -12.01 -16.32 17.50
CA ASP B 116 -12.94 -17.44 17.31
C ASP B 116 -14.02 -17.27 18.37
N ASP B 117 -15.22 -16.85 17.94
CA ASP B 117 -16.27 -16.56 18.92
C ASP B 117 -16.71 -17.84 19.62
N ARG B 118 -16.64 -17.85 20.95
CA ARG B 118 -16.93 -19.07 21.69
C ARG B 118 -18.41 -19.42 21.65
N ASN B 119 -19.28 -18.47 21.33
CA ASN B 119 -20.72 -18.72 21.32
C ASN B 119 -21.30 -18.87 19.92
N THR B 120 -20.90 -18.02 18.98
CA THR B 120 -21.42 -18.09 17.62
C THR B 120 -20.54 -18.90 16.68
N PHE B 121 -19.31 -19.21 17.09
CA PHE B 121 -18.31 -19.96 16.33
C PHE B 121 -17.77 -19.21 15.13
N ARG B 122 -18.13 -17.94 14.97
CA ARG B 122 -17.69 -17.21 13.80
C ARG B 122 -16.30 -16.64 13.99
N HIS B 123 -15.59 -16.51 12.88
CA HIS B 123 -14.26 -15.91 12.84
C HIS B 123 -14.37 -14.42 12.55
N SER B 124 -13.45 -13.64 13.14
CA SER B 124 -13.38 -12.24 12.76
C SER B 124 -11.99 -11.71 13.06
N VAL B 125 -11.67 -10.57 12.45
CA VAL B 125 -10.39 -9.91 12.69
C VAL B 125 -10.69 -8.46 13.00
N VAL B 126 -10.06 -7.93 14.05
CA VAL B 126 -10.37 -6.58 14.51
C VAL B 126 -9.07 -5.82 14.72
N VAL B 127 -9.07 -4.53 14.35
CA VAL B 127 -7.88 -3.69 14.53
C VAL B 127 -8.30 -2.39 15.19
N PRO B 128 -7.41 -1.73 15.91
CA PRO B 128 -7.71 -0.36 16.40
C PRO B 128 -7.87 0.57 15.21
N CYS B 129 -8.63 1.63 15.39
CA CYS B 129 -8.58 2.64 14.35
C CYS B 129 -8.07 3.96 14.91
N GLU B 130 -7.54 4.77 13.99
CA GLU B 130 -6.87 6.02 14.24
C GLU B 130 -7.41 7.04 13.25
N PRO B 131 -7.27 8.33 13.53
CA PRO B 131 -7.63 9.35 12.55
C PRO B 131 -6.64 9.36 11.41
N PRO B 132 -7.00 9.93 10.26
CA PRO B 132 -6.06 9.97 9.13
C PRO B 132 -4.83 10.80 9.47
N GLU B 133 -3.72 10.44 8.83
CA GLU B 133 -2.52 11.26 8.92
C GLU B 133 -2.80 12.67 8.42
N VAL B 134 -1.91 13.60 8.80
CA VAL B 134 -2.02 14.96 8.30
C VAL B 134 -2.05 14.93 6.78
N GLY B 135 -3.01 15.61 6.18
CA GLY B 135 -3.13 15.68 4.75
C GLY B 135 -4.04 14.65 4.12
N SER B 136 -4.43 13.61 4.84
CA SER B 136 -5.32 12.58 4.33
C SER B 136 -6.70 12.74 4.94
N ASP B 137 -7.72 12.24 4.23
CA ASP B 137 -9.10 12.41 4.67
C ASP B 137 -9.78 11.12 5.09
N CYS B 138 -9.15 9.97 4.91
CA CYS B 138 -9.71 8.72 5.39
C CYS B 138 -8.57 7.82 5.81
N THR B 139 -8.91 6.73 6.47
CA THR B 139 -7.92 5.72 6.78
C THR B 139 -8.19 4.49 5.90
N THR B 140 -7.17 3.67 5.73
CA THR B 140 -7.31 2.50 4.88
C THR B 140 -6.86 1.28 5.66
N ILE B 141 -7.62 0.20 5.54
CA ILE B 141 -7.25 -1.11 6.05
C ILE B 141 -7.00 -2.01 4.86
N HIS B 142 -5.98 -2.86 4.96
CA HIS B 142 -5.68 -3.78 3.87
C HIS B 142 -6.15 -5.17 4.29
N TYR B 143 -7.12 -5.72 3.58
CA TYR B 143 -7.59 -7.07 3.85
C TYR B 143 -7.03 -8.05 2.83
N ASN B 144 -6.89 -9.31 3.26
CA ASN B 144 -6.59 -10.43 2.36
C ASN B 144 -7.68 -11.48 2.54
N TYR B 145 -8.09 -12.11 1.44
CA TYR B 145 -9.02 -13.22 1.47
C TYR B 145 -8.26 -14.47 1.05
N MET B 146 -8.28 -15.49 1.93
CA MET B 146 -7.28 -16.55 1.87
C MET B 146 -7.82 -17.86 1.31
N CYS B 147 -8.95 -17.82 0.60
CA CYS B 147 -9.53 -18.94 -0.10
C CYS B 147 -10.22 -18.41 -1.35
N TYR B 148 -10.29 -19.23 -2.39
CA TYR B 148 -11.12 -18.88 -3.53
C TYR B 148 -12.59 -19.12 -3.22
N SER B 149 -13.45 -18.34 -3.86
CA SER B 149 -14.89 -18.61 -3.74
C SER B 149 -15.22 -20.04 -4.14
N SER B 150 -14.45 -20.61 -5.06
CA SER B 150 -14.73 -21.93 -5.62
C SER B 150 -14.16 -23.08 -4.78
N CYS B 151 -13.42 -22.82 -3.71
CA CYS B 151 -12.70 -23.89 -3.02
C CYS B 151 -13.63 -25.00 -2.54
N MET B 152 -13.35 -26.22 -2.94
CA MET B 152 -14.14 -27.37 -2.52
C MET B 152 -13.97 -27.61 -1.03
N GLY B 153 -15.06 -27.97 -0.36
CA GLY B 153 -15.04 -28.12 1.07
C GLY B 153 -14.94 -26.82 1.85
N GLY B 154 -14.91 -25.69 1.15
CA GLY B 154 -14.95 -24.38 1.77
C GLY B 154 -16.14 -23.61 1.23
N MET B 155 -15.90 -22.41 0.69
CA MET B 155 -17.03 -21.62 0.18
C MET B 155 -17.77 -22.37 -0.93
N ASN B 156 -17.07 -23.21 -1.69
CA ASN B 156 -17.69 -24.13 -2.66
CA ASN B 156 -17.73 -24.12 -2.61
C ASN B 156 -18.67 -23.40 -3.57
N ARG B 157 -18.19 -22.28 -4.12
CA ARG B 157 -18.88 -21.44 -5.11
C ARG B 157 -20.02 -20.62 -4.51
N ARG B 158 -20.20 -20.64 -3.19
CA ARG B 158 -21.26 -19.84 -2.59
C ARG B 158 -20.77 -18.42 -2.36
N PRO B 159 -21.54 -17.40 -2.74
CA PRO B 159 -21.12 -16.02 -2.49
C PRO B 159 -21.14 -15.67 -1.01
N ILE B 160 -20.23 -14.79 -0.62
CA ILE B 160 -20.14 -14.32 0.75
C ILE B 160 -20.31 -12.81 0.80
N LEU B 161 -20.60 -12.33 2.01
CA LEU B 161 -20.58 -10.91 2.35
C LEU B 161 -19.50 -10.70 3.38
N THR B 162 -18.78 -9.60 3.28
CA THR B 162 -17.94 -9.12 4.37
C THR B 162 -18.73 -8.05 5.10
N ILE B 163 -18.82 -8.18 6.43
CA ILE B 163 -19.50 -7.20 7.28
C ILE B 163 -18.42 -6.48 8.07
N ILE B 164 -18.38 -5.16 7.94
CA ILE B 164 -17.40 -4.33 8.64
C ILE B 164 -18.16 -3.57 9.72
N THR B 165 -17.78 -3.78 10.98
CA THR B 165 -18.42 -3.08 12.08
C THR B 165 -17.43 -2.16 12.78
N LEU B 166 -17.91 -0.96 13.08
CA LEU B 166 -17.22 -0.02 13.95
C LEU B 166 -17.74 -0.27 15.37
N GLU B 167 -16.81 -0.51 16.32
CA GLU B 167 -17.15 -0.93 17.67
C GLU B 167 -16.49 -0.02 18.68
N ASP B 168 -17.15 0.15 19.83
CA ASP B 168 -16.42 0.82 20.91
C ASP B 168 -15.48 -0.17 21.60
N SER B 169 -14.82 0.28 22.67
CA SER B 169 -13.79 -0.55 23.30
C SER B 169 -14.36 -1.80 23.97
N SER B 170 -15.65 -1.81 24.29
CA SER B 170 -16.34 -2.97 24.84
C SER B 170 -16.87 -3.91 23.77
N GLY B 171 -16.77 -3.53 22.50
CA GLY B 171 -17.36 -4.28 21.42
C GLY B 171 -18.76 -3.88 21.05
N ASN B 172 -19.31 -2.82 21.65
CA ASN B 172 -20.66 -2.37 21.30
C ASN B 172 -20.70 -1.72 19.92
N LEU B 173 -21.84 -1.88 19.25
CA LEU B 173 -21.98 -1.43 17.87
C LEU B 173 -21.99 0.09 17.77
N LEU B 174 -21.12 0.63 16.91
CA LEU B 174 -21.19 2.04 16.56
C LEU B 174 -21.58 2.30 15.12
N GLY B 175 -21.35 1.34 14.23
CA GLY B 175 -21.63 1.52 12.82
C GLY B 175 -21.40 0.21 12.10
N ARG B 176 -21.99 0.12 10.90
CA ARG B 176 -21.89 -1.13 10.16
C ARG B 176 -22.01 -0.85 8.67
N ASP B 177 -21.21 -1.55 7.87
CA ASP B 177 -21.29 -1.50 6.41
C ASP B 177 -20.95 -2.89 5.92
N SER B 178 -21.19 -3.15 4.64
CA SER B 178 -20.94 -4.50 4.14
C SER B 178 -20.81 -4.47 2.63
N PHE B 179 -20.25 -5.55 2.09
CA PHE B 179 -20.07 -5.68 0.65
C PHE B 179 -19.92 -7.16 0.35
N GLU B 180 -20.40 -7.56 -0.83
CA GLU B 180 -20.19 -8.92 -1.30
C GLU B 180 -18.75 -9.09 -1.78
N VAL B 181 -18.25 -10.33 -1.72
CA VAL B 181 -16.89 -10.64 -2.14
C VAL B 181 -16.91 -11.86 -3.02
N ARG B 182 -16.16 -11.81 -4.13
CA ARG B 182 -15.81 -12.99 -4.90
C ARG B 182 -14.30 -13.04 -4.98
N VAL B 183 -13.72 -14.14 -4.52
CA VAL B 183 -12.29 -14.38 -4.64
C VAL B 183 -12.10 -15.28 -5.85
N CYS B 184 -11.38 -14.80 -6.85
CA CYS B 184 -11.33 -15.48 -8.14
C CYS B 184 -10.01 -15.20 -8.83
N ALA B 185 -9.75 -15.97 -9.89
CA ALA B 185 -8.50 -15.83 -10.62
C ALA B 185 -8.45 -14.56 -11.47
N CYS B 186 -9.59 -14.11 -12.02
CA CYS B 186 -9.60 -12.94 -12.91
CA CYS B 186 -9.61 -12.95 -12.92
C CYS B 186 -10.69 -11.97 -12.47
N PRO B 187 -10.43 -11.19 -11.43
CA PRO B 187 -11.43 -10.22 -10.95
C PRO B 187 -11.92 -9.26 -12.02
N GLY B 188 -11.05 -8.81 -12.92
CA GLY B 188 -11.47 -7.83 -13.91
C GLY B 188 -12.50 -8.40 -14.87
N ARG B 189 -12.22 -9.58 -15.42
CA ARG B 189 -13.18 -10.19 -16.34
C ARG B 189 -14.47 -10.57 -15.61
N ASP B 190 -14.36 -11.00 -14.35
CA ASP B 190 -15.55 -11.41 -13.62
C ASP B 190 -16.41 -10.20 -13.23
N ARG B 191 -15.77 -9.09 -12.85
CA ARG B 191 -16.55 -7.87 -12.61
C ARG B 191 -17.28 -7.43 -13.87
N ARG B 192 -16.59 -7.43 -15.01
CA ARG B 192 -17.24 -7.05 -16.28
CA ARG B 192 -17.25 -7.05 -16.26
C ARG B 192 -18.42 -7.97 -16.57
N THR B 193 -18.22 -9.28 -16.45
CA THR B 193 -19.27 -10.24 -16.73
C THR B 193 -20.49 -10.02 -15.84
N GLU B 194 -20.28 -9.87 -14.53
CA GLU B 194 -21.40 -9.73 -13.62
C GLU B 194 -22.08 -8.37 -13.76
N GLU B 195 -21.33 -7.33 -14.12
CA GLU B 195 -21.95 -6.03 -14.38
C GLU B 195 -22.77 -6.07 -15.67
N GLU B 196 -22.27 -6.75 -16.70
CA GLU B 196 -23.08 -6.88 -17.91
C GLU B 196 -24.30 -7.76 -17.66
N ASN B 197 -24.15 -8.82 -16.87
CA ASN B 197 -25.31 -9.63 -16.50
C ASN B 197 -26.35 -8.79 -15.78
N LEU B 198 -25.92 -7.94 -14.84
CA LEU B 198 -26.85 -7.07 -14.14
C LEU B 198 -27.57 -6.14 -15.11
N ARG B 199 -26.83 -5.57 -16.06
CA ARG B 199 -27.44 -4.64 -17.01
C ARG B 199 -28.48 -5.35 -17.89
N LYS B 200 -28.27 -6.64 -18.15
CA LYS B 200 -29.26 -7.40 -18.90
C LYS B 200 -30.49 -7.75 -18.07
N LYS B 201 -30.42 -7.59 -16.75
CA LYS B 201 -31.58 -7.83 -15.89
C LYS B 201 -32.45 -6.57 -15.82
#